data_1GZ9
#
_entry.id   1GZ9
#
_cell.length_a   80.900
_cell.length_b   80.900
_cell.length_c   125.900
_cell.angle_alpha   90.00
_cell.angle_beta   90.00
_cell.angle_gamma   90.00
#
_symmetry.space_group_name_H-M   'P 43 21 2'
#
loop_
_entity.id
_entity.type
_entity.pdbx_description
1 polymer 'ERYTHRINA CRISTA-GALLI LECTIN'
2 branched alpha-L-fucopyranose-(1-2)-beta-D-galactopyranose-(1-4)-beta-D-glucopyranose
3 non-polymer 'MANGANESE (II) ION'
4 non-polymer 'CALCIUM ION'
5 water water
#
_entity_poly.entity_id   1
_entity_poly.type   'polypeptide(L)'
_entity_poly.pdbx_seq_one_letter_code
;VETISFSFSEFEPGNDNLTLQGAALITQSGVLQLTKINQNGMPAWDSTGRTLYTKPVHMWDSTTGTVASFETRFSFSIEQ
PYTRPLPADGLVFFMGPTKSKPAQGYGYLGVFNNSKQDNSYQTLAVEFDTFSNPWDPPQVPHIGIDVNSIRSIKTQPFQL
DNGQVANVVIKYDAPSKILHVVLVYPSSGAIYTIAEIVDVKQVLPDWVDVGLSGATGAQRDAAETHDVYSWSFQASLPE
;
_entity_poly.pdbx_strand_id   A
#
# COMPACT_ATOMS: atom_id res chain seq x y z
N VAL A 1 13.31 -7.85 -23.15
CA VAL A 1 12.83 -7.49 -21.78
C VAL A 1 11.43 -6.87 -21.84
N GLU A 2 10.49 -7.44 -21.10
CA GLU A 2 9.14 -6.89 -21.09
C GLU A 2 9.02 -5.93 -19.91
N THR A 3 8.78 -4.66 -20.23
CA THR A 3 8.71 -3.65 -19.19
C THR A 3 7.40 -2.87 -19.12
N ILE A 4 7.19 -2.23 -17.99
CA ILE A 4 6.03 -1.40 -17.79
C ILE A 4 6.42 -0.38 -16.77
N SER A 5 6.10 0.87 -17.03
CA SER A 5 6.42 1.91 -16.10
C SER A 5 5.38 3.00 -16.20
N PHE A 6 5.27 3.75 -15.12
CA PHE A 6 4.34 4.87 -15.06
C PHE A 6 4.79 5.75 -13.92
N SER A 7 4.40 7.01 -13.98
CA SER A 7 4.77 7.95 -12.95
C SER A 7 3.75 9.05 -12.87
N PHE A 8 3.21 9.27 -11.67
CA PHE A 8 2.28 10.36 -11.45
C PHE A 8 2.99 11.30 -10.50
N SER A 9 3.45 12.47 -11.00
CA SER A 9 4.10 13.52 -10.23
C SER A 9 3.07 14.10 -9.29
N GLU A 10 1.83 14.04 -9.75
CA GLU A 10 0.67 14.46 -8.96
C GLU A 10 -0.51 13.75 -9.64
N PHE A 11 -1.70 13.79 -9.05
CA PHE A 11 -2.84 13.11 -9.66
C PHE A 11 -3.75 14.12 -10.29
N GLU A 12 -4.54 13.66 -11.25
CA GLU A 12 -5.44 14.59 -11.92
C GLU A 12 -6.80 13.95 -12.09
N PRO A 13 -7.87 14.66 -11.69
CA PRO A 13 -9.20 14.05 -11.86
C PRO A 13 -9.40 13.66 -13.33
N GLY A 14 -9.92 12.47 -13.58
CA GLY A 14 -10.17 12.07 -14.94
C GLY A 14 -9.03 11.32 -15.60
N ASN A 15 -7.94 11.13 -14.88
CA ASN A 15 -6.79 10.42 -15.46
C ASN A 15 -7.14 8.99 -15.91
N ASP A 16 -6.81 8.68 -17.18
CA ASP A 16 -7.04 7.41 -17.86
C ASP A 16 -6.43 6.18 -17.23
N ASN A 17 -5.36 6.39 -16.49
CA ASN A 17 -4.58 5.29 -15.96
C ASN A 17 -4.88 4.76 -14.57
N LEU A 18 -5.90 5.31 -13.92
CA LEU A 18 -6.20 4.84 -12.56
C LEU A 18 -7.64 4.43 -12.35
N THR A 19 -7.81 3.31 -11.69
CA THR A 19 -9.12 2.79 -11.31
C THR A 19 -9.28 3.26 -9.88
N LEU A 20 -10.44 3.77 -9.51
CA LEU A 20 -10.68 4.24 -8.14
C LEU A 20 -11.78 3.33 -7.57
N GLN A 21 -11.55 2.85 -6.35
CA GLN A 21 -12.50 1.95 -5.71
C GLN A 21 -12.87 2.41 -4.31
N GLY A 22 -14.09 2.09 -3.90
CA GLY A 22 -14.49 2.46 -2.56
C GLY A 22 -14.55 3.96 -2.40
N ALA A 23 -13.97 4.44 -1.30
CA ALA A 23 -14.00 5.87 -1.01
C ALA A 23 -12.95 6.72 -1.74
N ALA A 24 -12.04 6.06 -2.44
CA ALA A 24 -10.94 6.83 -3.02
C ALA A 24 -11.29 7.89 -4.04
N LEU A 25 -10.60 9.03 -4.00
CA LEU A 25 -10.89 10.07 -4.99
C LEU A 25 -9.69 10.98 -5.17
N ILE A 26 -9.65 11.65 -6.32
CA ILE A 26 -8.57 12.58 -6.66
C ILE A 26 -9.10 14.00 -6.56
N THR A 27 -8.40 14.86 -5.84
CA THR A 27 -8.83 16.26 -5.68
C THR A 27 -8.34 17.12 -6.83
N GLN A 28 -8.99 18.27 -7.04
CA GLN A 28 -8.53 19.19 -8.09
C GLN A 28 -7.13 19.69 -7.75
N SER A 29 -6.77 19.65 -6.46
CA SER A 29 -5.44 20.06 -6.03
C SER A 29 -4.39 18.99 -6.35
N GLY A 30 -4.83 17.83 -6.87
CA GLY A 30 -3.89 16.79 -7.28
C GLY A 30 -3.53 15.72 -6.26
N VAL A 31 -4.35 15.59 -5.24
CA VAL A 31 -4.10 14.62 -4.20
C VAL A 31 -5.03 13.42 -4.29
N LEU A 32 -4.49 12.24 -4.07
CA LEU A 32 -5.32 11.05 -4.06
C LEU A 32 -5.68 10.80 -2.57
N GLN A 33 -6.96 11.02 -2.21
CA GLN A 33 -7.39 10.78 -0.84
C GLN A 33 -7.95 9.36 -0.81
N LEU A 34 -7.19 8.42 -0.24
CA LEU A 34 -7.63 7.03 -0.23
C LEU A 34 -8.89 6.89 0.62
N THR A 35 -8.97 7.64 1.72
CA THR A 35 -10.14 7.52 2.59
C THR A 35 -10.84 8.85 2.73
N LYS A 36 -12.13 8.78 2.97
CA LYS A 36 -12.96 9.98 3.01
C LYS A 36 -12.53 11.10 3.95
N ILE A 37 -12.49 12.30 3.42
CA ILE A 37 -12.17 13.47 4.21
C ILE A 37 -13.49 14.25 4.21
N ASN A 38 -14.08 14.42 5.39
CA ASN A 38 -15.35 15.11 5.52
C ASN A 38 -15.24 16.56 5.14
N GLN A 39 -16.41 17.19 5.13
CA GLN A 39 -16.57 18.59 4.77
C GLN A 39 -15.61 19.51 5.56
N ASN A 40 -15.64 19.40 6.89
CA ASN A 40 -14.76 20.21 7.73
C ASN A 40 -13.29 20.10 7.33
N GLY A 41 -12.87 18.88 6.97
CA GLY A 41 -11.49 18.65 6.57
C GLY A 41 -10.93 17.56 7.48
N MET A 42 -11.84 16.93 8.18
CA MET A 42 -11.53 15.86 9.11
C MET A 42 -11.77 14.50 8.47
N PRO A 43 -10.91 13.52 8.79
CA PRO A 43 -11.08 12.19 8.20
C PRO A 43 -12.25 11.43 8.81
N ALA A 44 -13.02 10.79 7.96
CA ALA A 44 -14.17 10.02 8.40
C ALA A 44 -13.78 8.59 8.78
N TRP A 45 -14.38 8.06 9.84
CA TRP A 45 -14.15 6.67 10.21
C TRP A 45 -14.99 5.82 9.28
N ASP A 46 -14.78 4.51 9.35
CA ASP A 46 -15.48 3.51 8.55
C ASP A 46 -15.37 3.76 7.04
N SER A 47 -14.15 4.11 6.60
CA SER A 47 -13.92 4.37 5.19
C SER A 47 -12.83 3.44 4.64
N THR A 48 -13.03 2.95 3.42
CA THR A 48 -12.03 2.10 2.76
C THR A 48 -11.94 2.52 1.32
N GLY A 49 -10.73 2.74 0.79
CA GLY A 49 -10.66 3.13 -0.60
C GLY A 49 -9.36 2.65 -1.24
N ARG A 50 -9.38 2.40 -2.55
CA ARG A 50 -8.17 1.89 -3.24
C ARG A 50 -8.02 2.49 -4.62
N THR A 51 -6.80 2.44 -5.14
CA THR A 51 -6.62 2.83 -6.53
C THR A 51 -5.78 1.72 -7.16
N LEU A 52 -6.02 1.42 -8.42
CA LEU A 52 -5.22 0.39 -9.11
C LEU A 52 -4.75 0.98 -10.41
N TYR A 53 -3.54 0.59 -10.85
CA TYR A 53 -3.10 1.08 -12.15
C TYR A 53 -4.00 0.30 -13.13
N THR A 54 -4.40 0.93 -14.23
CA THR A 54 -5.29 0.21 -15.15
C THR A 54 -4.70 -0.94 -15.95
N LYS A 55 -3.38 -0.99 -16.13
CA LYS A 55 -2.78 -2.11 -16.88
C LYS A 55 -2.15 -3.13 -15.95
N PRO A 56 -2.31 -4.43 -16.24
CA PRO A 56 -1.73 -5.48 -15.41
C PRO A 56 -0.21 -5.54 -15.67
N VAL A 57 0.56 -6.11 -14.74
CA VAL A 57 2.01 -6.14 -14.84
C VAL A 57 2.45 -7.59 -14.97
N HIS A 58 3.37 -7.88 -15.88
CA HIS A 58 3.76 -9.28 -16.05
C HIS A 58 4.89 -9.55 -15.04
N MET A 59 4.61 -10.30 -13.98
CA MET A 59 5.61 -10.54 -12.92
C MET A 59 6.53 -11.75 -13.10
N TRP A 60 6.04 -12.74 -13.83
CA TRP A 60 6.88 -13.91 -14.16
C TRP A 60 6.30 -14.64 -15.38
N ASP A 61 7.19 -15.19 -16.21
CA ASP A 61 6.76 -15.87 -17.44
C ASP A 61 6.53 -17.36 -17.21
N SER A 62 5.27 -17.77 -17.31
CA SER A 62 4.93 -19.16 -17.07
C SER A 62 5.44 -20.14 -18.11
N THR A 63 6.29 -19.68 -19.02
CA THR A 63 6.84 -20.54 -20.05
C THR A 63 8.34 -20.67 -19.85
N THR A 64 9.02 -19.54 -19.73
CA THR A 64 10.46 -19.57 -19.54
C THR A 64 10.88 -19.59 -18.07
N GLY A 65 10.01 -19.13 -17.18
CA GLY A 65 10.34 -19.12 -15.76
C GLY A 65 11.10 -17.89 -15.31
N THR A 66 11.21 -16.89 -16.17
CA THR A 66 11.90 -15.67 -15.80
C THR A 66 11.01 -14.91 -14.81
N VAL A 67 11.64 -14.10 -13.95
CA VAL A 67 10.89 -13.34 -12.95
C VAL A 67 11.28 -11.89 -13.00
N ALA A 68 10.25 -11.05 -12.92
CA ALA A 68 10.43 -9.62 -12.96
C ALA A 68 10.99 -9.00 -11.67
N SER A 69 11.73 -7.91 -11.82
CA SER A 69 12.20 -7.11 -10.70
C SER A 69 11.36 -5.82 -10.84
N PHE A 70 11.10 -5.11 -9.76
CA PHE A 70 10.35 -3.88 -9.87
C PHE A 70 10.77 -2.88 -8.81
N GLU A 71 10.29 -1.66 -8.99
CA GLU A 71 10.58 -0.58 -8.08
C GLU A 71 9.32 0.25 -8.06
N THR A 72 8.96 0.74 -6.88
CA THR A 72 7.81 1.63 -6.82
C THR A 72 8.12 2.68 -5.74
N ARG A 73 7.68 3.91 -5.98
CA ARG A 73 7.92 4.99 -5.03
C ARG A 73 6.64 5.81 -4.90
N PHE A 74 6.34 6.27 -3.69
CA PHE A 74 5.17 7.14 -3.51
C PHE A 74 5.38 8.01 -2.31
N SER A 75 4.67 9.12 -2.27
CA SER A 75 4.77 10.04 -1.14
C SER A 75 3.36 10.08 -0.56
N PHE A 76 3.25 9.99 0.76
CA PHE A 76 1.91 10.01 1.41
C PHE A 76 1.96 10.80 2.70
N SER A 77 0.78 11.13 3.21
CA SER A 77 0.79 11.73 4.51
C SER A 77 -0.39 11.14 5.30
N ILE A 78 -0.16 10.96 6.58
CA ILE A 78 -1.17 10.49 7.49
C ILE A 78 -1.23 11.49 8.63
N GLU A 79 -2.42 12.06 8.81
CA GLU A 79 -2.68 12.99 9.90
C GLU A 79 -3.71 12.36 10.79
N GLN A 80 -3.39 12.31 12.10
CA GLN A 80 -4.25 11.71 13.12
C GLN A 80 -4.65 12.92 13.99
N PRO A 81 -5.80 13.52 13.67
CA PRO A 81 -6.25 14.71 14.42
C PRO A 81 -7.09 14.51 15.67
N TYR A 82 -7.55 13.31 15.97
CA TYR A 82 -8.38 13.14 17.17
C TYR A 82 -7.54 12.72 18.37
N THR A 83 -7.90 13.22 19.55
CA THR A 83 -7.15 12.84 20.75
C THR A 83 -7.63 11.46 21.20
N ARG A 84 -8.91 11.17 20.93
CA ARG A 84 -9.50 9.89 21.27
C ARG A 84 -10.54 9.59 20.21
N PRO A 85 -10.75 8.31 19.88
CA PRO A 85 -10.04 7.13 20.40
C PRO A 85 -8.70 6.97 19.64
N LEU A 86 -8.11 5.77 19.70
CA LEU A 86 -6.84 5.50 19.00
C LEU A 86 -7.10 5.63 17.50
N PRO A 87 -6.14 6.18 16.73
CA PRO A 87 -6.29 6.33 15.27
C PRO A 87 -6.22 4.95 14.58
N ALA A 88 -6.77 4.82 13.37
CA ALA A 88 -6.74 3.54 12.63
C ALA A 88 -7.11 3.88 11.18
N ASP A 89 -6.81 3.03 10.19
CA ASP A 89 -6.13 1.74 10.34
C ASP A 89 -4.79 1.68 9.56
N GLY A 90 -4.66 2.49 8.51
CA GLY A 90 -3.39 2.48 7.77
C GLY A 90 -3.54 2.44 6.27
N LEU A 91 -2.42 2.37 5.55
CA LEU A 91 -2.48 2.31 4.09
C LEU A 91 -1.44 1.28 3.66
N VAL A 92 -1.54 0.89 2.40
CA VAL A 92 -0.71 -0.20 1.93
C VAL A 92 -0.53 -0.19 0.41
N PHE A 93 0.65 -0.64 -0.04
CA PHE A 93 0.89 -0.80 -1.46
C PHE A 93 0.69 -2.32 -1.67
N PHE A 94 -0.05 -2.72 -2.71
CA PHE A 94 -0.25 -4.16 -2.87
C PHE A 94 -0.18 -4.62 -4.31
N MET A 95 0.13 -5.91 -4.45
CA MET A 95 0.25 -6.53 -5.76
C MET A 95 -0.51 -7.87 -5.65
N GLY A 96 -1.47 -8.13 -6.54
CA GLY A 96 -2.23 -9.37 -6.41
C GLY A 96 -2.98 -9.73 -7.69
N PRO A 97 -3.90 -10.68 -7.60
CA PRO A 97 -4.67 -11.08 -8.79
C PRO A 97 -5.29 -9.88 -9.52
N THR A 98 -5.37 -9.98 -10.85
CA THR A 98 -5.97 -8.90 -11.66
C THR A 98 -7.49 -8.86 -11.43
N LYS A 99 -8.12 -7.77 -11.84
CA LYS A 99 -9.58 -7.57 -11.69
C LYS A 99 -9.98 -7.59 -10.22
N SER A 100 -9.04 -7.16 -9.40
CA SER A 100 -9.18 -7.11 -7.96
C SER A 100 -10.24 -6.11 -7.48
N LYS A 101 -11.02 -6.50 -6.47
CA LYS A 101 -12.05 -5.64 -5.86
C LYS A 101 -11.71 -5.50 -4.36
N PRO A 102 -12.15 -4.42 -3.70
CA PRO A 102 -11.83 -4.26 -2.28
C PRO A 102 -12.23 -5.42 -1.41
N ALA A 103 -11.34 -5.80 -0.49
CA ALA A 103 -11.64 -6.89 0.43
C ALA A 103 -12.19 -6.24 1.71
N GLN A 104 -11.97 -6.80 2.89
CA GLN A 104 -12.50 -6.14 4.10
C GLN A 104 -11.70 -4.90 4.51
N GLY A 105 -12.38 -3.97 5.16
CA GLY A 105 -11.71 -2.75 5.62
C GLY A 105 -11.08 -2.89 6.98
N TYR A 106 -11.08 -1.79 7.72
CA TYR A 106 -10.49 -1.72 9.04
C TYR A 106 -9.07 -2.25 9.00
N GLY A 107 -8.71 -3.08 9.97
CA GLY A 107 -7.35 -3.60 10.05
C GLY A 107 -6.94 -4.51 8.87
N TYR A 108 -7.88 -4.87 8.02
CA TYR A 108 -7.56 -5.73 6.88
C TYR A 108 -7.13 -4.90 5.68
N LEU A 109 -7.19 -3.58 5.87
CA LEU A 109 -6.73 -2.57 4.93
C LEU A 109 -7.28 -2.61 3.51
N GLY A 110 -8.45 -3.21 3.33
CA GLY A 110 -9.04 -3.29 2.00
C GLY A 110 -8.39 -4.33 1.12
N VAL A 111 -7.48 -5.12 1.69
CA VAL A 111 -6.76 -6.10 0.91
C VAL A 111 -7.00 -7.55 1.27
N PHE A 112 -7.19 -7.84 2.55
CA PHE A 112 -7.41 -9.24 2.96
C PHE A 112 -8.82 -9.42 3.52
N ASN A 113 -9.31 -10.67 3.55
CA ASN A 113 -10.67 -11.00 4.05
C ASN A 113 -10.79 -11.29 5.52
N ASN A 114 -9.74 -11.85 6.09
CA ASN A 114 -9.69 -12.14 7.52
C ASN A 114 -8.24 -12.16 7.94
N SER A 115 -7.95 -12.62 9.15
CA SER A 115 -6.59 -12.59 9.64
C SER A 115 -5.81 -13.88 9.45
N LYS A 116 -6.30 -14.81 8.66
CA LYS A 116 -5.56 -16.06 8.47
C LYS A 116 -4.71 -16.04 7.21
N GLN A 117 -3.62 -16.80 7.20
CA GLN A 117 -2.80 -16.86 6.00
C GLN A 117 -3.53 -17.73 4.99
N ASP A 118 -3.50 -17.33 3.74
CA ASP A 118 -4.16 -18.11 2.69
C ASP A 118 -3.40 -17.88 1.42
N ASN A 119 -2.75 -18.94 0.97
CA ASN A 119 -1.95 -18.86 -0.24
C ASN A 119 -2.75 -18.48 -1.47
N SER A 120 -4.07 -18.62 -1.39
CA SER A 120 -4.97 -18.28 -2.49
C SER A 120 -5.10 -16.76 -2.67
N TYR A 121 -4.68 -16.00 -1.66
CA TYR A 121 -4.73 -14.54 -1.81
C TYR A 121 -3.83 -14.16 -2.98
N GLN A 122 -2.72 -14.89 -3.13
CA GLN A 122 -1.70 -14.63 -4.15
C GLN A 122 -1.40 -13.11 -4.13
N THR A 123 -1.22 -12.58 -2.93
CA THR A 123 -0.99 -11.15 -2.77
C THR A 123 0.21 -10.80 -1.91
N LEU A 124 0.96 -9.81 -2.36
CA LEU A 124 2.12 -9.30 -1.64
C LEU A 124 1.77 -7.86 -1.30
N ALA A 125 2.04 -7.40 -0.09
CA ALA A 125 1.71 -6.02 0.26
C ALA A 125 2.71 -5.43 1.25
N VAL A 126 2.91 -4.11 1.17
CA VAL A 126 3.80 -3.43 2.09
C VAL A 126 2.87 -2.43 2.77
N GLU A 127 2.66 -2.66 4.07
CA GLU A 127 1.73 -1.84 4.86
C GLU A 127 2.41 -0.80 5.74
N PHE A 128 1.66 0.27 6.04
CA PHE A 128 2.08 1.35 6.93
C PHE A 128 0.86 1.34 7.83
N ASP A 129 0.99 0.56 8.90
CA ASP A 129 -0.13 0.22 9.81
C ASP A 129 -0.14 1.07 11.06
N THR A 130 -1.28 1.70 11.33
CA THR A 130 -1.41 2.63 12.43
C THR A 130 -2.18 2.15 13.65
N PHE A 131 -2.74 0.93 13.61
CA PHE A 131 -3.53 0.43 14.77
C PHE A 131 -3.10 -0.97 15.07
N SER A 132 -2.82 -1.25 16.34
CA SER A 132 -2.34 -2.61 16.73
C SER A 132 -3.52 -3.58 16.94
N ASN A 133 -3.77 -4.38 15.92
CA ASN A 133 -4.83 -5.42 15.96
C ASN A 133 -4.29 -6.65 16.75
N PRO A 134 -5.15 -7.64 17.00
CA PRO A 134 -4.72 -8.84 17.74
C PRO A 134 -3.56 -9.63 17.11
N TRP A 135 -3.31 -9.44 15.80
CA TRP A 135 -2.26 -10.14 15.09
C TRP A 135 -1.03 -9.25 14.86
N ASP A 136 -1.10 -8.01 15.34
CA ASP A 136 0.00 -7.04 15.14
C ASP A 136 1.01 -6.91 16.25
N PRO A 137 2.19 -6.35 15.94
CA PRO A 137 3.21 -6.13 16.95
C PRO A 137 2.59 -4.95 17.69
N PRO A 138 3.03 -4.70 18.92
CA PRO A 138 2.44 -3.59 19.65
C PRO A 138 2.75 -2.17 19.17
N GLN A 139 3.94 -1.97 18.61
CA GLN A 139 4.34 -0.62 18.22
C GLN A 139 3.61 -0.13 16.97
N VAL A 140 2.98 1.05 17.05
CA VAL A 140 2.37 1.60 15.87
C VAL A 140 2.74 3.06 15.83
N PRO A 141 2.91 3.59 14.62
CA PRO A 141 2.76 2.86 13.35
C PRO A 141 3.94 1.88 13.12
N HIS A 142 3.75 0.95 12.19
CA HIS A 142 4.83 0.07 11.78
C HIS A 142 4.74 -0.21 10.27
N ILE A 143 5.89 -0.50 9.66
CA ILE A 143 5.86 -0.90 8.27
C ILE A 143 5.78 -2.42 8.42
N GLY A 144 5.07 -3.05 7.51
CA GLY A 144 5.01 -4.50 7.49
C GLY A 144 5.09 -5.09 6.07
N ILE A 145 5.72 -6.27 5.96
CA ILE A 145 5.81 -6.99 4.70
C ILE A 145 4.80 -8.15 4.92
N ASP A 146 3.76 -8.16 4.09
CA ASP A 146 2.64 -9.10 4.13
C ASP A 146 2.66 -10.02 2.94
N VAL A 147 2.74 -11.32 3.21
CA VAL A 147 2.79 -12.29 2.11
C VAL A 147 1.60 -13.20 2.34
N ASN A 148 0.56 -13.05 1.52
CA ASN A 148 -0.64 -13.88 1.65
C ASN A 148 -1.31 -13.85 3.02
N SER A 149 -1.09 -12.76 3.78
CA SER A 149 -1.71 -12.65 5.10
C SER A 149 -1.53 -11.24 5.66
N ILE A 150 -2.51 -10.76 6.42
CA ILE A 150 -2.42 -9.45 7.08
C ILE A 150 -1.42 -9.58 8.28
N ARG A 151 -1.06 -10.80 8.65
CA ARG A 151 -0.11 -11.02 9.75
C ARG A 151 1.26 -11.00 9.12
N SER A 152 1.96 -9.86 9.27
CA SER A 152 3.25 -9.66 8.60
C SER A 152 4.34 -10.67 8.92
N ILE A 153 5.15 -11.01 7.92
CA ILE A 153 6.25 -11.93 8.19
C ILE A 153 7.40 -11.14 8.84
N LYS A 154 7.34 -9.82 8.71
CA LYS A 154 8.34 -8.93 9.34
C LYS A 154 7.81 -7.49 9.43
N THR A 155 8.10 -6.80 10.54
CA THR A 155 7.65 -5.42 10.73
C THR A 155 8.78 -4.55 11.25
N GLN A 156 8.59 -3.23 11.14
CA GLN A 156 9.61 -2.26 11.59
C GLN A 156 8.86 -1.06 12.11
N PRO A 157 8.95 -0.79 13.42
CA PRO A 157 8.22 0.38 13.96
C PRO A 157 8.74 1.70 13.36
N PHE A 158 7.86 2.68 13.21
CA PHE A 158 8.34 4.00 12.76
C PHE A 158 7.54 5.03 13.51
N GLN A 159 8.13 6.18 13.77
CA GLN A 159 7.34 7.19 14.49
C GLN A 159 6.62 8.04 13.47
N LEU A 160 5.34 8.31 13.70
CA LEU A 160 4.62 9.14 12.76
C LEU A 160 5.09 10.57 12.95
N ASP A 161 5.25 11.30 11.86
CA ASP A 161 5.50 12.74 12.01
C ASP A 161 4.13 13.22 11.52
N ASN A 162 3.22 13.43 12.48
CA ASN A 162 1.81 13.79 12.20
C ASN A 162 1.55 14.80 11.11
N GLY A 163 0.81 14.37 10.10
CA GLY A 163 0.46 15.23 8.99
C GLY A 163 1.57 15.55 7.98
N GLN A 164 2.78 15.07 8.24
CA GLN A 164 3.90 15.36 7.35
C GLN A 164 4.03 14.34 6.21
N VAL A 165 4.67 14.74 5.12
CA VAL A 165 4.84 13.84 3.97
C VAL A 165 5.98 12.84 4.16
N ALA A 166 5.68 11.56 3.92
CA ALA A 166 6.67 10.51 3.99
C ALA A 166 6.97 10.07 2.55
N ASN A 167 8.23 9.67 2.28
CA ASN A 167 8.61 9.19 0.95
C ASN A 167 8.91 7.70 1.15
N VAL A 168 8.39 6.87 0.24
CA VAL A 168 8.56 5.43 0.31
C VAL A 168 9.22 4.95 -0.97
N VAL A 169 10.13 4.00 -0.78
CA VAL A 169 10.81 3.38 -1.92
C VAL A 169 10.76 1.87 -1.63
N ILE A 170 10.21 1.13 -2.61
CA ILE A 170 10.09 -0.30 -2.51
C ILE A 170 10.70 -0.95 -3.74
N LYS A 171 11.65 -1.87 -3.54
CA LYS A 171 12.27 -2.60 -4.64
C LYS A 171 12.21 -4.08 -4.41
N TYR A 172 11.97 -4.81 -5.49
CA TYR A 172 12.00 -6.26 -5.44
C TYR A 172 13.05 -6.67 -6.50
N ASP A 173 14.08 -7.40 -6.08
CA ASP A 173 15.13 -7.87 -6.99
C ASP A 173 14.94 -9.37 -7.17
N ALA A 174 14.56 -9.81 -8.37
CA ALA A 174 14.30 -11.23 -8.58
C ALA A 174 15.47 -12.18 -8.31
N PRO A 175 16.70 -11.80 -8.71
CA PRO A 175 17.84 -12.71 -8.45
C PRO A 175 18.03 -13.08 -6.99
N SER A 176 17.96 -12.09 -6.10
CA SER A 176 18.15 -12.32 -4.67
C SER A 176 16.85 -12.68 -3.96
N LYS A 177 15.72 -12.39 -4.61
CA LYS A 177 14.38 -12.62 -4.05
C LYS A 177 14.18 -11.67 -2.85
N ILE A 178 14.92 -10.55 -2.86
CA ILE A 178 14.78 -9.57 -1.78
C ILE A 178 13.81 -8.43 -2.07
N LEU A 179 12.87 -8.20 -1.15
CA LEU A 179 11.92 -7.07 -1.21
C LEU A 179 12.53 -6.12 -0.16
N HIS A 180 12.93 -4.93 -0.58
CA HIS A 180 13.53 -4.00 0.38
C HIS A 180 12.74 -2.71 0.36
N VAL A 181 12.41 -2.24 1.56
CA VAL A 181 11.55 -1.07 1.76
C VAL A 181 12.19 0.02 2.59
N VAL A 182 11.98 1.26 2.16
CA VAL A 182 12.51 2.39 2.85
C VAL A 182 11.44 3.46 3.03
N LEU A 183 11.44 4.08 4.20
CA LEU A 183 10.52 5.20 4.47
C LEU A 183 11.38 6.36 5.00
N VAL A 184 11.21 7.53 4.39
CA VAL A 184 11.94 8.71 4.82
C VAL A 184 11.00 9.86 5.09
N TYR A 185 11.22 10.55 6.21
CA TYR A 185 10.44 11.74 6.50
C TYR A 185 11.38 12.95 6.29
N PRO A 186 11.26 13.70 5.16
CA PRO A 186 12.12 14.85 4.92
C PRO A 186 12.01 15.87 6.05
N SER A 187 10.81 15.99 6.60
CA SER A 187 10.52 16.93 7.68
C SER A 187 11.44 16.76 8.87
N SER A 188 11.68 15.51 9.26
CA SER A 188 12.48 15.25 10.43
C SER A 188 13.81 14.61 10.11
N GLY A 189 13.94 14.12 8.90
CA GLY A 189 15.14 13.41 8.52
C GLY A 189 15.14 11.93 8.92
N ALA A 190 14.08 11.45 9.55
CA ALA A 190 14.05 10.03 9.95
C ALA A 190 14.06 9.06 8.76
N ILE A 191 14.78 7.94 8.92
CA ILE A 191 14.91 6.94 7.85
C ILE A 191 14.67 5.58 8.48
N TYR A 192 13.84 4.77 7.82
CA TYR A 192 13.53 3.42 8.29
C TYR A 192 13.73 2.49 7.11
N THR A 193 14.19 1.27 7.39
CA THR A 193 14.44 0.27 6.36
C THR A 193 14.01 -1.11 6.86
N ILE A 194 13.50 -1.92 5.94
CA ILE A 194 13.05 -3.27 6.28
C ILE A 194 13.15 -4.09 5.00
N ALA A 195 13.58 -5.33 5.14
CA ALA A 195 13.73 -6.17 3.97
C ALA A 195 13.39 -7.63 4.34
N GLU A 196 12.93 -8.39 3.36
CA GLU A 196 12.60 -9.77 3.60
C GLU A 196 12.66 -10.55 2.28
N ILE A 197 12.81 -11.85 2.39
CA ILE A 197 12.86 -12.72 1.23
C ILE A 197 11.42 -13.00 0.79
N VAL A 198 11.13 -12.79 -0.48
CA VAL A 198 9.81 -13.10 -1.03
C VAL A 198 10.01 -13.82 -2.38
N ASP A 199 9.44 -15.02 -2.51
CA ASP A 199 9.57 -15.76 -3.78
C ASP A 199 8.30 -15.42 -4.60
N VAL A 200 8.37 -14.40 -5.45
CA VAL A 200 7.18 -13.96 -6.18
C VAL A 200 6.60 -14.99 -7.12
N LYS A 201 7.45 -15.83 -7.73
CA LYS A 201 6.93 -16.86 -8.62
C LYS A 201 6.02 -17.80 -7.82
N GLN A 202 6.36 -18.06 -6.56
CA GLN A 202 5.51 -18.93 -5.74
C GLN A 202 4.29 -18.18 -5.18
N VAL A 203 4.49 -16.91 -4.85
CA VAL A 203 3.44 -16.08 -4.24
C VAL A 203 2.41 -15.45 -5.16
N LEU A 204 2.86 -14.80 -6.21
CA LEU A 204 1.95 -14.09 -7.10
C LEU A 204 1.53 -14.83 -8.37
N PRO A 205 0.39 -14.40 -8.97
CA PRO A 205 -0.01 -15.05 -10.22
C PRO A 205 0.95 -14.45 -11.24
N ASP A 206 1.01 -14.96 -12.46
CA ASP A 206 1.98 -14.42 -13.40
C ASP A 206 1.69 -13.00 -13.87
N TRP A 207 0.43 -12.61 -13.84
CA TRP A 207 0.03 -11.24 -14.17
C TRP A 207 -0.67 -10.69 -12.93
N VAL A 208 -0.35 -9.44 -12.58
CA VAL A 208 -0.94 -8.83 -11.40
C VAL A 208 -1.41 -7.41 -11.63
N ASP A 209 -2.25 -6.96 -10.73
CA ASP A 209 -2.69 -5.56 -10.70
C ASP A 209 -1.84 -4.96 -9.54
N VAL A 210 -1.43 -3.70 -9.65
CA VAL A 210 -0.71 -3.04 -8.57
C VAL A 210 -1.56 -1.88 -8.11
N GLY A 211 -1.55 -1.61 -6.81
CA GLY A 211 -2.39 -0.55 -6.30
C GLY A 211 -2.04 -0.08 -4.90
N LEU A 212 -2.84 0.87 -4.41
CA LEU A 212 -2.66 1.43 -3.07
C LEU A 212 -4.06 1.38 -2.45
N SER A 213 -4.10 1.18 -1.14
CA SER A 213 -5.39 1.08 -0.42
C SER A 213 -5.23 1.71 0.95
N GLY A 214 -6.31 2.28 1.48
CA GLY A 214 -6.23 2.87 2.80
C GLY A 214 -7.53 2.56 3.52
N ALA A 215 -7.52 2.58 4.85
CA ALA A 215 -8.75 2.33 5.62
C ALA A 215 -8.74 3.05 6.93
N THR A 216 -9.93 3.50 7.37
CA THR A 216 -10.08 4.11 8.70
C THR A 216 -10.86 3.10 9.52
N GLY A 217 -11.02 3.40 10.81
CA GLY A 217 -11.57 2.44 11.76
C GLY A 217 -13.02 2.10 11.95
N ALA A 218 -13.24 1.11 12.83
CA ALA A 218 -14.57 0.57 13.05
C ALA A 218 -15.41 1.25 14.12
N GLN A 219 -14.95 2.38 14.64
CA GLN A 219 -15.77 3.09 15.61
C GLN A 219 -15.53 4.56 15.39
N ARG A 220 -16.44 5.37 15.89
CA ARG A 220 -16.37 6.83 15.73
C ARG A 220 -15.03 7.49 16.03
N ASP A 221 -14.53 8.25 15.05
CA ASP A 221 -13.25 8.97 15.10
C ASP A 221 -11.95 8.15 15.25
N ALA A 222 -12.03 6.83 15.02
CA ALA A 222 -10.83 5.96 15.03
C ALA A 222 -10.46 6.19 13.57
N ALA A 223 -9.80 7.33 13.29
CA ALA A 223 -9.53 7.69 11.91
C ALA A 223 -8.37 8.65 11.72
N GLU A 224 -7.95 8.79 10.46
CA GLU A 224 -6.81 9.61 10.08
C GLU A 224 -6.87 9.73 8.56
N THR A 225 -6.11 10.67 7.99
CA THR A 225 -6.09 10.80 6.54
C THR A 225 -5.11 9.75 5.94
N HIS A 226 -5.31 9.38 4.66
CA HIS A 226 -4.41 8.46 3.94
C HIS A 226 -4.28 9.12 2.57
N ASP A 227 -3.53 10.21 2.53
CA ASP A 227 -3.38 10.96 1.29
C ASP A 227 -2.08 10.62 0.56
N VAL A 228 -2.17 10.46 -0.77
CA VAL A 228 -1.01 10.15 -1.61
C VAL A 228 -0.81 11.31 -2.61
N TYR A 229 0.44 11.77 -2.73
CA TYR A 229 0.77 12.91 -3.57
C TYR A 229 1.41 12.55 -4.91
N SER A 230 2.03 11.39 -4.97
CA SER A 230 2.71 10.99 -6.20
C SER A 230 2.95 9.48 -6.10
N TRP A 231 3.12 8.84 -7.24
CA TRP A 231 3.33 7.39 -7.30
C TRP A 231 3.96 7.02 -8.64
N SER A 232 5.09 6.29 -8.60
CA SER A 232 5.74 5.84 -9.81
C SER A 232 5.99 4.35 -9.65
N PHE A 233 6.08 3.66 -10.78
CA PHE A 233 6.30 2.23 -10.74
C PHE A 233 7.07 1.83 -12.01
N GLN A 234 7.92 0.83 -11.89
CA GLN A 234 8.68 0.33 -13.03
C GLN A 234 8.96 -1.15 -12.83
N ALA A 235 8.65 -2.00 -13.82
CA ALA A 235 8.97 -3.43 -13.69
C ALA A 235 9.68 -3.88 -14.98
N SER A 236 10.58 -4.87 -14.85
CA SER A 236 11.33 -5.40 -15.97
C SER A 236 11.41 -6.89 -15.88
N LEU A 237 10.89 -7.56 -16.88
CA LEU A 237 10.90 -9.01 -16.92
C LEU A 237 11.90 -9.44 -18.00
N PRO A 238 12.99 -10.13 -17.60
CA PRO A 238 14.01 -10.59 -18.58
C PRO A 238 13.36 -11.53 -19.60
N GLU A 239 13.85 -11.54 -20.83
CA GLU A 239 13.26 -12.40 -21.86
C GLU A 239 14.28 -13.38 -22.43
#